data_3CNQ
#
_entry.id   3CNQ
#
_cell.length_a   43.195
_cell.length_b   72.941
_cell.length_c   93.112
_cell.angle_alpha   90.000
_cell.angle_beta   90.000
_cell.angle_gamma   90.000
#
_symmetry.space_group_name_H-M   'P 21 21 21'
#
loop_
_entity.id
_entity.type
_entity.pdbx_description
1 polymer "Subtilisin BPN'"
2 polymer "Subtilisin BPN'"
3 non-polymer 'ZINC ION'
4 water water
#
loop_
_entity_poly.entity_id
_entity_poly.type
_entity_poly.pdbx_seq_one_letter_code
_entity_poly.pdbx_strand_id
1 'polypeptide(L)' MGGKSNGEKKYIVGFKQGFKSCAKKEDVISEKGGKLQKCFKYVDAASATLNEKAVEELKKDPSVAYVEEDKLYRALSATS P
2 'polypeptide(L)'
;AKCVSYGVAQIKAPALHSQGYTGSNVKVAVLASGIDSSHPDLNVAGGASFVPSETNPFQDNNSHGTHVAGTVLAVAPSAS
LYAVKVLGADGSGQASWIINGIEWAIANNMDVINMSLGSPSGSAALKAAVDKAVASGVVVVAAAGNSGTSGSSSTVSYPA
KYPSVIAVGAVDSSNQRAPFSSVGPELDVMAPGVSICSTLPGGKYGALSGTAMASPHVAGAAALILSKHPNWTNTQVRSS
LENTATKLGDSFYYGKGLINVEAAAQ
;
S
#
loop_
_chem_comp.id
_chem_comp.type
_chem_comp.name
_chem_comp.formula
ZN non-polymer 'ZINC ION' 'Zn 2'
#
# COMPACT_ATOMS: atom_id res chain seq x y z
N GLU A 8 -2.34 -12.27 -21.88
CA GLU A 8 -1.91 -11.71 -23.19
C GLU A 8 -0.63 -10.85 -23.13
N LYS A 9 -0.72 -9.54 -23.30
CA LYS A 9 0.46 -8.80 -23.76
C LYS A 9 1.36 -8.05 -22.80
N LYS A 10 0.88 -7.75 -21.59
CA LYS A 10 1.64 -6.94 -20.64
C LYS A 10 2.44 -7.80 -19.66
N TYR A 11 3.76 -7.59 -19.63
CA TYR A 11 4.66 -8.39 -18.80
C TYR A 11 5.63 -7.56 -17.99
N ILE A 12 6.26 -8.21 -17.01
CA ILE A 12 7.48 -7.71 -16.38
C ILE A 12 8.57 -8.73 -16.62
N VAL A 13 9.71 -8.23 -17.09
CA VAL A 13 10.90 -9.06 -17.38
C VAL A 13 11.93 -8.82 -16.30
N GLY A 14 12.28 -9.88 -15.56
CA GLY A 14 13.32 -9.80 -14.52
C GLY A 14 14.66 -10.11 -15.18
N PHE A 15 15.69 -9.36 -14.78
CA PHE A 15 17.06 -9.54 -15.28
C PHE A 15 18.06 -10.08 -14.25
N LYS A 16 19.06 -10.77 -14.78
CA LYS A 16 20.25 -11.13 -13.99
C LYS A 16 21.16 -9.91 -13.77
N GLN A 17 22.31 -10.09 -13.09
CA GLN A 17 23.16 -8.94 -12.73
C GLN A 17 23.84 -8.26 -13.91
N GLY A 18 24.17 -6.97 -13.77
CA GLY A 18 24.90 -6.27 -14.82
C GLY A 18 24.03 -5.57 -15.84
N PHE A 19 22.72 -5.52 -15.57
CA PHE A 19 21.79 -4.84 -16.47
C PHE A 19 21.11 -3.66 -15.77
N LYS A 20 21.85 -2.98 -14.88
CA LYS A 20 21.30 -1.84 -14.15
C LYS A 20 20.82 -0.70 -15.09
N SER A 21 21.56 -0.48 -16.18
CA SER A 21 21.25 0.59 -17.11
C SER A 21 19.98 0.27 -17.89
N CYS A 22 19.09 1.25 -18.03
CA CYS A 22 17.86 1.00 -18.80
C CYS A 22 18.16 0.64 -20.26
N ALA A 23 19.19 1.26 -20.84
CA ALA A 23 19.59 0.98 -22.22
C ALA A 23 19.92 -0.50 -22.38
N LYS A 24 20.60 -1.06 -21.38
CA LYS A 24 20.99 -2.48 -21.39
C LYS A 24 19.77 -3.44 -21.32
N LYS A 25 18.81 -3.14 -20.44
CA LYS A 25 17.57 -3.94 -20.33
C LYS A 25 16.77 -3.84 -21.63
N GLU A 26 16.64 -2.60 -22.10
CA GLU A 26 15.84 -2.36 -23.27
C GLU A 26 16.40 -3.12 -24.48
N ASP A 27 17.74 -3.19 -24.63
CA ASP A 27 18.34 -3.89 -25.77
C ASP A 27 17.88 -5.35 -25.83
N VAL A 28 17.89 -6.01 -24.67
CA VAL A 28 17.51 -7.43 -24.57
C VAL A 28 16.05 -7.61 -25.03
N ILE A 29 15.21 -6.65 -24.62
CA ILE A 29 13.78 -6.66 -24.96
C ILE A 29 13.54 -6.28 -26.42
N SER A 30 14.14 -5.18 -26.85
CA SER A 30 13.81 -4.66 -28.20
C SER A 30 14.39 -5.51 -29.32
N GLU A 31 15.53 -6.16 -29.10
CA GLU A 31 16.13 -7.03 -30.15
C GLU A 31 15.24 -8.24 -30.46
N LYS A 32 14.37 -8.62 -29.52
CA LYS A 32 13.39 -9.63 -29.82
C LYS A 32 12.05 -9.06 -30.29
N GLY A 33 12.02 -7.75 -30.55
CA GLY A 33 10.83 -7.04 -31.00
C GLY A 33 9.82 -6.68 -29.89
N GLY A 34 10.22 -6.83 -28.62
CA GLY A 34 9.35 -6.40 -27.53
C GLY A 34 9.38 -4.88 -27.43
N LYS A 35 8.42 -4.31 -26.69
CA LYS A 35 8.38 -2.86 -26.45
C LYS A 35 8.48 -2.51 -24.97
N LEU A 36 9.57 -1.82 -24.61
CA LEU A 36 9.81 -1.36 -23.23
C LEU A 36 8.72 -0.40 -22.79
N GLN A 37 8.15 -0.66 -21.60
CA GLN A 37 7.22 0.27 -20.98
C GLN A 37 7.86 1.06 -19.85
N LYS A 38 8.67 0.39 -19.03
CA LYS A 38 9.39 1.09 -17.97
C LYS A 38 10.53 0.25 -17.42
N CYS A 39 11.71 0.87 -17.25
CA CYS A 39 12.81 0.23 -16.50
C CYS A 39 12.74 0.63 -15.05
N PHE A 40 12.73 -0.33 -14.13
CA PHE A 40 12.70 0.02 -12.70
C PHE A 40 14.03 0.53 -12.21
N LYS A 41 14.02 1.27 -11.11
CA LYS A 41 15.21 1.91 -10.56
C LYS A 41 15.99 1.01 -9.61
N TYR A 42 15.26 0.37 -8.70
CA TYR A 42 15.86 -0.48 -7.69
C TYR A 42 15.70 -1.95 -7.98
N VAL A 43 14.51 -2.33 -8.44
CA VAL A 43 14.21 -3.70 -8.87
C VAL A 43 14.87 -4.01 -10.21
N ASP A 44 15.48 -5.19 -10.29
CA ASP A 44 16.21 -5.56 -11.50
C ASP A 44 15.23 -6.12 -12.52
N ALA A 45 14.38 -5.25 -13.06
CA ALA A 45 13.31 -5.70 -13.96
C ALA A 45 12.81 -4.52 -14.78
N ALA A 46 12.02 -4.83 -15.79
CA ALA A 46 11.41 -3.79 -16.62
C ALA A 46 10.06 -4.30 -17.10
N SER A 47 9.07 -3.41 -17.21
CA SER A 47 7.79 -3.74 -17.85
C SER A 47 7.86 -3.62 -19.37
N ALA A 48 7.20 -4.53 -20.06
CA ALA A 48 7.26 -4.58 -21.53
C ALA A 48 5.96 -5.15 -22.05
N THR A 49 5.62 -4.77 -23.29
CA THR A 49 4.55 -5.44 -24.02
C THR A 49 5.22 -6.39 -25.01
N LEU A 50 4.72 -7.62 -25.05
CA LEU A 50 5.41 -8.72 -25.73
C LEU A 50 4.43 -9.65 -26.42
N ASN A 51 4.74 -10.02 -27.66
CA ASN A 51 3.98 -11.12 -28.26
C ASN A 51 4.53 -12.47 -27.82
N GLU A 52 3.85 -13.55 -28.22
CA GLU A 52 4.22 -14.87 -27.72
C GLU A 52 5.63 -15.28 -28.08
N LYS A 53 6.09 -14.89 -29.27
CA LYS A 53 7.43 -15.25 -29.68
C LYS A 53 8.48 -14.53 -28.83
N ALA A 54 8.27 -13.24 -28.60
CA ALA A 54 9.16 -12.49 -27.73
C ALA A 54 9.27 -13.12 -26.32
N VAL A 55 8.14 -13.53 -25.76
CA VAL A 55 8.15 -14.16 -24.44
C VAL A 55 9.04 -15.41 -24.44
N GLU A 56 8.88 -16.23 -25.47
CA GLU A 56 9.64 -17.48 -25.62
C GLU A 56 11.15 -17.20 -25.72
N GLU A 57 11.51 -16.20 -26.52
CA GLU A 57 12.91 -15.87 -26.75
C GLU A 57 13.51 -15.27 -25.48
N LEU A 58 12.69 -14.52 -24.74
CA LEU A 58 13.18 -13.95 -23.50
C LEU A 58 13.42 -15.02 -22.47
N LYS A 59 12.51 -16.00 -22.39
CA LYS A 59 12.69 -17.09 -21.43
C LYS A 59 13.94 -17.90 -21.71
N LYS A 60 14.40 -17.90 -22.96
CA LYS A 60 15.62 -18.58 -23.39
C LYS A 60 16.88 -17.72 -23.36
N ASP A 61 16.73 -16.42 -23.10
CA ASP A 61 17.87 -15.52 -23.05
C ASP A 61 18.56 -15.62 -21.68
N PRO A 62 19.86 -16.00 -21.64
CA PRO A 62 20.58 -16.04 -20.35
C PRO A 62 20.57 -14.79 -19.48
N SER A 63 20.26 -13.63 -20.08
CA SER A 63 20.13 -12.32 -19.38
C SER A 63 18.91 -12.28 -18.47
N VAL A 64 17.93 -13.13 -18.81
CA VAL A 64 16.57 -13.00 -18.26
C VAL A 64 16.37 -13.95 -17.09
N ALA A 65 16.02 -13.38 -15.95
CA ALA A 65 15.70 -14.17 -14.77
C ALA A 65 14.27 -14.73 -14.73
N TYR A 66 13.32 -13.96 -15.26
CA TYR A 66 11.93 -14.41 -15.30
C TYR A 66 11.14 -13.53 -16.22
N VAL A 67 10.03 -14.08 -16.70
CA VAL A 67 9.01 -13.30 -17.41
C VAL A 67 7.67 -13.60 -16.73
N GLU A 68 7.03 -12.56 -16.23
CA GLU A 68 5.75 -12.71 -15.53
C GLU A 68 4.72 -11.72 -16.06
N GLU A 69 3.45 -12.07 -15.93
CA GLU A 69 2.39 -11.17 -16.38
C GLU A 69 2.35 -9.94 -15.48
N ASP A 70 2.08 -8.78 -16.09
CA ASP A 70 1.97 -7.49 -15.38
C ASP A 70 0.50 -7.39 -14.96
N LYS A 71 0.17 -8.10 -13.90
CA LYS A 71 -1.22 -8.30 -13.53
C LYS A 71 -1.84 -7.12 -12.79
N LEU A 72 -3.17 -7.14 -12.67
CA LEU A 72 -3.92 -5.99 -12.10
C LEU A 72 -4.12 -6.14 -10.59
N TYR A 73 -3.94 -5.01 -9.90
CA TYR A 73 -4.15 -4.88 -8.46
C TYR A 73 -5.29 -3.89 -8.29
N ARG A 74 -6.13 -4.11 -7.29
CA ARG A 74 -7.31 -3.27 -7.15
C ARG A 74 -7.55 -2.69 -5.77
N ALA A 75 -8.13 -1.47 -5.72
CA ALA A 75 -8.58 -0.83 -4.48
C ALA A 75 -9.48 -1.77 -3.68
N LEU A 76 -9.20 -1.91 -2.38
CA LEU A 76 -9.93 -2.84 -1.52
C LEU A 76 -11.05 -2.14 -0.74
N SER A 77 -11.88 -1.40 -1.48
CA SER A 77 -13.10 -0.85 -0.86
C SER A 77 -14.30 -1.68 -1.27
N ALA A 78 -15.15 -1.93 -0.27
CA ALA A 78 -16.14 -3.01 -0.25
C ALA A 78 -17.57 -2.47 -0.22
N CYS B 3 -16.05 15.27 9.08
CA CYS B 3 -16.51 13.89 9.38
C CYS B 3 -15.30 12.99 9.60
N VAL B 4 -15.19 12.47 10.82
CA VAL B 4 -14.00 11.71 11.26
C VAL B 4 -14.41 10.30 11.72
N SER B 5 -13.68 9.26 11.27
CA SER B 5 -13.99 7.89 11.71
C SER B 5 -13.97 7.79 13.23
N TYR B 6 -15.02 7.11 13.75
CA TYR B 6 -15.04 6.53 15.10
C TYR B 6 -13.74 5.77 15.32
N GLY B 7 -13.04 5.52 14.20
CA GLY B 7 -11.87 4.67 14.19
C GLY B 7 -10.69 5.30 14.91
N VAL B 8 -10.63 6.64 14.89
CA VAL B 8 -9.55 7.38 15.56
C VAL B 8 -9.55 7.08 17.05
N ALA B 9 -10.71 7.20 17.71
CA ALA B 9 -10.78 6.88 19.13
C ALA B 9 -10.56 5.41 19.41
N GLN B 10 -11.05 4.56 18.51
CA GLN B 10 -11.02 3.12 18.75
C GLN B 10 -9.60 2.57 18.85
N ILE B 11 -8.69 3.14 18.07
CA ILE B 11 -7.24 2.73 18.10
C ILE B 11 -6.43 3.52 19.16
N LYS B 12 -7.10 4.41 19.88
CA LYS B 12 -6.49 5.21 20.94
C LYS B 12 -5.50 6.29 20.40
N ALA B 13 -5.73 6.76 19.19
CA ALA B 13 -4.87 7.78 18.58
C ALA B 13 -4.86 9.08 19.44
N PRO B 14 -5.99 9.44 20.08
CA PRO B 14 -5.93 10.66 20.90
C PRO B 14 -5.02 10.60 22.11
N ALA B 15 -4.59 9.41 22.51
CA ALA B 15 -3.59 9.24 23.56
C ALA B 15 -2.31 9.96 23.11
N LEU B 16 -1.95 9.81 21.85
CA LEU B 16 -0.74 10.46 21.34
C LEU B 16 -0.96 11.96 21.18
N HIS B 17 -2.11 12.35 20.62
CA HIS B 17 -2.43 13.77 20.44
C HIS B 17 -2.38 14.47 21.80
N SER B 18 -2.91 13.83 22.84
CA SER B 18 -2.88 14.44 24.19
C SER B 18 -1.49 14.72 24.75
N GLN B 19 -0.54 13.86 24.38
CA GLN B 19 0.88 14.05 24.68
C GLN B 19 1.58 15.09 23.78
N GLY B 20 0.91 15.59 22.73
CA GLY B 20 1.50 16.55 21.80
C GLY B 20 2.08 16.00 20.50
N TYR B 21 1.73 14.77 20.16
CA TYR B 21 2.20 14.14 18.92
C TYR B 21 1.05 13.88 17.98
N THR B 22 1.14 14.48 16.81
CA THR B 22 0.09 14.39 15.80
C THR B 22 0.65 13.98 14.43
N GLY B 23 1.89 13.50 14.37
CA GLY B 23 2.46 13.06 13.09
C GLY B 23 3.34 14.09 12.37
N SER B 24 3.68 15.19 13.03
CA SER B 24 4.52 16.23 12.43
C SER B 24 5.82 15.68 11.80
N ASN B 25 6.07 16.11 10.57
CA ASN B 25 7.33 15.83 9.85
C ASN B 25 7.44 14.40 9.30
N VAL B 26 6.36 13.62 9.46
CA VAL B 26 6.40 12.23 8.93
C VAL B 26 5.77 12.23 7.55
N LYS B 27 6.48 11.61 6.61
CA LYS B 27 6.08 11.55 5.22
C LYS B 27 5.38 10.24 4.94
N VAL B 28 4.09 10.31 4.59
CA VAL B 28 3.28 9.13 4.30
C VAL B 28 2.88 9.13 2.84
N ALA B 29 3.31 8.09 2.12
CA ALA B 29 2.93 7.93 0.73
C ALA B 29 1.63 7.12 0.62
N VAL B 30 0.61 7.74 0.04
CA VAL B 30 -0.67 7.08 -0.22
C VAL B 30 -0.70 6.59 -1.68
N LEU B 31 -0.41 5.31 -1.87
CA LEU B 31 -0.37 4.66 -3.18
C LEU B 31 -1.77 4.20 -3.53
N ALA B 32 -2.45 5.00 -4.36
CA ALA B 32 -3.89 4.80 -4.55
C ALA B 32 -4.28 5.49 -5.85
N SER B 33 -5.49 6.03 -5.89
CA SER B 33 -6.05 6.57 -7.14
C SER B 33 -5.84 8.10 -7.24
N GLY B 34 -4.91 8.62 -6.46
CA GLY B 34 -4.67 10.06 -6.34
C GLY B 34 -5.30 10.60 -5.07
N ILE B 35 -5.07 11.90 -4.78
CA ILE B 35 -5.73 12.52 -3.64
C ILE B 35 -6.29 13.82 -4.19
N ASP B 36 -7.59 14.00 -4.06
CA ASP B 36 -8.23 15.13 -4.73
C ASP B 36 -7.91 16.49 -4.10
N SER B 37 -7.50 17.42 -4.96
CA SER B 37 -7.19 18.81 -4.57
C SER B 37 -8.42 19.61 -4.10
N SER B 38 -9.60 19.08 -4.36
CA SER B 38 -10.85 19.77 -4.00
C SER B 38 -11.01 19.95 -2.49
N HIS B 39 -10.14 19.35 -1.68
CA HIS B 39 -10.42 19.33 -0.24
C HIS B 39 -9.77 20.34 0.66
N PRO B 40 -10.61 21.22 1.28
CA PRO B 40 -10.28 22.38 2.11
C PRO B 40 -9.33 22.08 3.26
N ASP B 41 -9.60 20.99 3.97
CA ASP B 41 -8.76 20.62 5.10
C ASP B 41 -7.57 19.76 4.67
N LEU B 42 -7.83 18.80 3.78
CA LEU B 42 -6.84 17.78 3.40
C LEU B 42 -5.61 18.49 2.93
N ASN B 43 -4.50 18.30 3.65
CA ASN B 43 -3.23 18.85 3.21
C ASN B 43 -2.52 17.73 2.50
N VAL B 44 -1.96 18.05 1.32
CA VAL B 44 -1.15 17.15 0.51
C VAL B 44 0.19 17.85 0.23
N ALA B 45 1.26 17.22 0.70
CA ALA B 45 2.58 17.78 0.58
C ALA B 45 3.20 17.68 -0.81
N GLY B 46 2.76 16.69 -1.60
CA GLY B 46 3.37 16.46 -2.87
C GLY B 46 2.81 15.18 -3.50
N GLY B 47 3.42 14.75 -4.56
CA GLY B 47 3.05 13.44 -5.20
C GLY B 47 3.42 13.30 -6.66
N ALA B 48 3.04 12.16 -7.24
CA ALA B 48 3.43 11.84 -8.61
C ALA B 48 2.51 10.80 -9.13
N SER B 49 2.28 10.77 -10.45
CA SER B 49 1.42 9.75 -11.04
C SER B 49 2.18 8.74 -11.89
N PHE B 50 1.82 7.48 -11.72
CA PHE B 50 2.36 6.36 -12.48
C PHE B 50 1.29 5.62 -13.25
N VAL B 51 0.16 6.31 -13.43
CA VAL B 51 -0.93 5.83 -14.30
C VAL B 51 -0.80 6.52 -15.65
N PRO B 52 -0.41 5.76 -16.72
CA PRO B 52 -0.04 6.45 -17.98
C PRO B 52 -1.09 7.39 -18.54
N SER B 53 -2.35 7.02 -18.41
CA SER B 53 -3.45 7.81 -19.00
C SER B 53 -4.00 8.88 -18.06
N GLU B 54 -3.45 8.98 -16.85
CA GLU B 54 -3.94 9.95 -15.85
C GLU B 54 -2.77 10.65 -15.13
N THR B 55 -2.28 11.72 -15.73
CA THR B 55 -1.04 12.36 -15.31
C THR B 55 -1.11 13.20 -14.02
N ASN B 56 -2.30 13.49 -13.52
CA ASN B 56 -2.40 14.41 -12.40
C ASN B 56 -2.67 13.63 -11.12
N PRO B 57 -1.68 13.56 -10.20
CA PRO B 57 -1.90 12.78 -8.97
C PRO B 57 -2.87 13.49 -7.99
N PHE B 58 -3.17 14.76 -8.28
CA PHE B 58 -4.06 15.54 -7.41
C PHE B 58 -5.50 15.57 -7.89
N GLN B 59 -5.84 14.67 -8.83
CA GLN B 59 -7.20 14.47 -9.27
C GLN B 59 -7.52 13.03 -8.97
N ASP B 60 -8.57 12.79 -8.20
CA ASP B 60 -8.94 11.43 -7.88
C ASP B 60 -10.27 11.12 -8.54
N ASN B 61 -10.19 10.33 -9.61
CA ASN B 61 -11.36 9.97 -10.41
C ASN B 61 -12.09 8.71 -9.93
N ASN B 62 -11.67 8.18 -8.78
CA ASN B 62 -12.27 6.97 -8.24
C ASN B 62 -12.96 7.24 -6.89
N SER B 63 -12.27 8.00 -6.04
CA SER B 63 -12.69 8.37 -4.68
C SER B 63 -11.92 7.65 -3.58
N HIS B 64 -11.37 6.42 -3.84
CA HIS B 64 -10.62 5.61 -2.90
C HIS B 64 -9.47 6.41 -2.28
N GLY B 65 -8.62 6.99 -3.09
CA GLY B 65 -7.38 7.58 -2.62
C GLY B 65 -7.67 8.73 -1.68
N THR B 66 -8.70 9.52 -2.00
CA THR B 66 -9.03 10.68 -1.19
C THR B 66 -9.55 10.26 0.19
N HIS B 67 -10.35 9.20 0.19
CA HIS B 67 -10.93 8.63 1.40
C HIS B 67 -9.82 8.08 2.33
N VAL B 68 -8.94 7.24 1.76
CA VAL B 68 -7.78 6.70 2.47
C VAL B 68 -6.90 7.83 3.07
N ALA B 69 -6.54 8.80 2.22
CA ALA B 69 -5.78 9.99 2.63
C ALA B 69 -6.41 10.70 3.85
N GLY B 70 -7.73 10.94 3.80
CA GLY B 70 -8.44 11.57 4.91
C GLY B 70 -8.37 10.79 6.22
N THR B 71 -8.35 9.47 6.11
CA THR B 71 -8.22 8.62 7.29
C THR B 71 -6.79 8.67 7.88
N VAL B 72 -5.77 8.70 7.04
CA VAL B 72 -4.44 8.91 7.54
C VAL B 72 -4.39 10.19 8.37
N LEU B 73 -4.96 11.27 7.82
CA LEU B 73 -4.83 12.57 8.49
C LEU B 73 -5.73 12.68 9.72
N ALA B 74 -6.83 11.93 9.73
CA ALA B 74 -7.73 11.89 10.88
C ALA B 74 -7.05 11.31 12.12
N VAL B 75 -6.15 10.21 11.77
CA VAL B 75 -5.26 9.61 12.81
C VAL B 75 -4.05 10.48 13.18
N ALA B 76 -3.39 11.02 12.16
CA ALA B 76 -2.15 11.83 12.30
C ALA B 76 -2.36 13.16 11.55
N PRO B 77 -3.04 14.13 12.19
CA PRO B 77 -3.42 15.41 11.57
C PRO B 77 -2.26 16.25 11.00
N SER B 78 -1.05 16.07 11.55
CA SER B 78 0.12 16.82 11.09
C SER B 78 1.02 16.07 10.11
N ALA B 79 0.66 14.84 9.72
CA ALA B 79 1.52 14.09 8.77
C ALA B 79 1.57 14.76 7.41
N SER B 80 2.65 14.52 6.69
CA SER B 80 2.76 15.06 5.33
C SER B 80 2.34 13.96 4.38
N LEU B 81 1.23 14.17 3.65
CA LEU B 81 0.71 13.14 2.72
C LEU B 81 1.23 13.33 1.33
N TYR B 82 1.65 12.23 0.66
CA TYR B 82 2.04 12.29 -0.75
C TYR B 82 1.12 11.42 -1.60
N ALA B 83 0.56 12.04 -2.64
CA ALA B 83 -0.42 11.39 -3.53
C ALA B 83 0.35 10.63 -4.59
N VAL B 84 0.48 9.32 -4.41
CA VAL B 84 1.20 8.51 -5.36
C VAL B 84 0.17 7.72 -6.15
N LYS B 85 -0.16 8.22 -7.35
CA LYS B 85 -1.26 7.64 -8.12
C LYS B 85 -0.77 6.43 -8.90
N VAL B 86 -1.26 5.27 -8.46
CA VAL B 86 -0.86 4.02 -9.10
C VAL B 86 -2.06 3.22 -9.55
N LEU B 87 -3.27 3.68 -9.22
CA LEU B 87 -4.50 3.10 -9.70
C LEU B 87 -5.24 4.16 -10.46
N GLY B 88 -5.90 3.74 -11.52
CA GLY B 88 -6.74 4.67 -12.27
C GLY B 88 -8.17 4.83 -11.78
N ALA B 89 -8.95 5.53 -12.59
CA ALA B 89 -10.34 5.82 -12.26
C ALA B 89 -11.16 4.59 -11.88
N ASP B 90 -10.90 3.46 -12.54
CA ASP B 90 -11.65 2.25 -12.23
C ASP B 90 -11.17 1.49 -10.99
N GLY B 91 -10.18 2.05 -10.30
CA GLY B 91 -9.64 1.45 -9.08
C GLY B 91 -8.59 0.38 -9.31
N SER B 92 -8.20 0.11 -10.57
CA SER B 92 -7.16 -0.92 -10.83
C SER B 92 -5.84 -0.30 -11.30
N GLY B 93 -4.75 -1.03 -11.07
CA GLY B 93 -3.46 -0.61 -11.61
C GLY B 93 -2.61 -1.84 -11.89
N GLN B 94 -1.66 -1.72 -12.81
CA GLN B 94 -0.75 -2.82 -13.13
C GLN B 94 0.33 -2.92 -12.07
N ALA B 95 0.84 -4.12 -11.86
CA ALA B 95 1.92 -4.32 -10.90
C ALA B 95 3.08 -3.33 -11.14
N SER B 96 3.41 -3.08 -12.39
CA SER B 96 4.56 -2.20 -12.67
C SER B 96 4.26 -0.77 -12.25
N TRP B 97 3.02 -0.30 -12.42
CA TRP B 97 2.68 1.06 -11.93
C TRP B 97 2.89 1.16 -10.41
N ILE B 98 2.47 0.12 -9.70
CA ILE B 98 2.61 0.07 -8.26
C ILE B 98 4.07 0.05 -7.85
N ILE B 99 4.85 -0.83 -8.48
CA ILE B 99 6.33 -0.79 -8.35
C ILE B 99 6.93 0.61 -8.57
N ASN B 100 6.51 1.28 -9.64
CA ASN B 100 6.95 2.67 -9.87
C ASN B 100 6.63 3.61 -8.70
N GLY B 101 5.42 3.47 -8.12
CA GLY B 101 5.08 4.26 -6.94
C GLY B 101 5.94 3.94 -5.73
N ILE B 102 6.19 2.67 -5.49
CA ILE B 102 7.02 2.24 -4.34
C ILE B 102 8.46 2.78 -4.51
N GLU B 103 8.97 2.68 -5.73
CA GLU B 103 10.33 3.16 -6.01
C GLU B 103 10.40 4.67 -5.86
N TRP B 104 9.36 5.38 -6.33
CA TRP B 104 9.27 6.82 -6.07
C TRP B 104 9.28 7.11 -4.57
N ALA B 105 8.53 6.33 -3.79
CA ALA B 105 8.50 6.57 -2.34
C ALA B 105 9.86 6.38 -1.66
N ILE B 106 10.58 5.35 -2.09
CA ILE B 106 11.95 5.10 -1.59
C ILE B 106 12.91 6.31 -1.94
N ALA B 107 13.00 6.63 -3.25
CA ALA B 107 13.82 7.71 -3.79
C ALA B 107 13.53 9.06 -3.12
N ASN B 108 12.28 9.26 -2.69
CA ASN B 108 11.85 10.52 -2.11
C ASN B 108 11.72 10.49 -0.58
N ASN B 109 12.31 9.46 0.01
CA ASN B 109 12.51 9.38 1.47
C ASN B 109 11.19 9.41 2.25
N MET B 110 10.17 8.76 1.70
CA MET B 110 8.92 8.57 2.45
C MET B 110 9.22 7.69 3.70
N ASP B 111 8.49 7.93 4.82
CA ASP B 111 8.58 7.13 6.05
C ASP B 111 7.65 5.90 6.07
N VAL B 112 6.56 6.11 5.45
CA VAL B 112 5.46 5.13 5.52
C VAL B 112 4.86 5.05 4.13
N ILE B 113 4.59 3.82 3.71
CA ILE B 113 3.82 3.54 2.48
C ILE B 113 2.52 2.87 2.87
N ASN B 114 1.42 3.39 2.34
CA ASN B 114 0.12 2.72 2.51
C ASN B 114 -0.38 2.22 1.17
N MET B 115 -0.68 0.91 1.09
CA MET B 115 -1.25 0.27 -0.11
C MET B 115 -2.59 -0.38 0.22
N SER B 116 -3.65 0.37 -0.02
CA SER B 116 -5.00 -0.12 0.27
C SER B 116 -5.54 -0.84 -1.00
N LEU B 117 -4.75 -1.79 -1.47
CA LEU B 117 -4.98 -2.49 -2.76
C LEU B 117 -4.51 -3.92 -2.72
N GLY B 118 -5.01 -4.75 -3.63
CA GLY B 118 -4.66 -6.16 -3.57
C GLY B 118 -4.95 -6.95 -4.83
N SER B 119 -4.31 -8.10 -4.91
CA SER B 119 -4.48 -9.03 -6.02
C SER B 119 -4.33 -10.41 -5.43
N PRO B 120 -5.07 -11.40 -5.99
CA PRO B 120 -4.96 -12.77 -5.50
C PRO B 120 -3.62 -13.44 -5.72
N SER B 121 -2.89 -12.95 -6.72
CA SER B 121 -1.59 -13.51 -7.12
C SER B 121 -0.50 -12.49 -6.94
N GLY B 122 0.69 -12.96 -6.67
CA GLY B 122 1.80 -12.05 -6.49
C GLY B 122 2.64 -11.89 -7.74
N SER B 123 3.62 -10.99 -7.62
CA SER B 123 4.61 -10.73 -8.66
C SER B 123 5.98 -10.74 -8.00
N ALA B 124 6.95 -11.41 -8.62
CA ALA B 124 8.31 -11.42 -8.11
C ALA B 124 8.88 -9.99 -8.03
N ALA B 125 8.57 -9.18 -9.04
CA ALA B 125 9.06 -7.79 -9.07
C ALA B 125 8.40 -6.97 -7.99
N LEU B 126 7.10 -7.20 -7.72
CA LEU B 126 6.45 -6.44 -6.64
C LEU B 126 7.00 -6.87 -5.29
N LYS B 127 7.20 -8.18 -5.12
CA LYS B 127 7.86 -8.62 -3.88
C LYS B 127 9.22 -7.96 -3.68
N ALA B 128 10.02 -7.89 -4.75
CA ALA B 128 11.32 -7.26 -4.70
C ALA B 128 11.18 -5.79 -4.24
N ALA B 129 10.20 -5.07 -4.81
CA ALA B 129 9.92 -3.67 -4.50
C ALA B 129 9.58 -3.44 -3.02
N VAL B 130 8.61 -4.21 -2.49
CA VAL B 130 8.26 -4.04 -1.08
C VAL B 130 9.40 -4.47 -0.15
N ASP B 131 10.09 -5.57 -0.46
CA ASP B 131 11.24 -5.97 0.34
C ASP B 131 12.33 -4.89 0.36
N LYS B 132 12.58 -4.27 -0.81
CA LYS B 132 13.53 -3.18 -0.89
C LYS B 132 13.09 -1.98 -0.08
N ALA B 133 11.79 -1.65 -0.13
CA ALA B 133 11.34 -0.52 0.67
C ALA B 133 11.56 -0.76 2.15
N VAL B 134 11.28 -1.98 2.62
CA VAL B 134 11.45 -2.30 4.03
C VAL B 134 12.97 -2.33 4.40
N ALA B 135 13.78 -2.89 3.51
CA ALA B 135 15.24 -2.91 3.74
C ALA B 135 15.82 -1.49 3.85
N SER B 136 15.19 -0.53 3.17
CA SER B 136 15.66 0.84 3.19
C SER B 136 15.12 1.64 4.36
N GLY B 137 14.26 1.00 5.18
CA GLY B 137 13.76 1.61 6.43
C GLY B 137 12.30 2.13 6.45
N VAL B 138 11.58 1.91 5.35
CA VAL B 138 10.18 2.40 5.23
C VAL B 138 9.20 1.43 5.91
N VAL B 139 8.23 1.96 6.65
CA VAL B 139 7.13 1.15 7.21
C VAL B 139 6.15 0.91 6.06
N VAL B 140 5.92 -0.34 5.68
CA VAL B 140 5.03 -0.66 4.54
C VAL B 140 3.79 -1.38 5.06
N VAL B 141 2.64 -0.79 4.78
CA VAL B 141 1.32 -1.20 5.32
C VAL B 141 0.38 -1.51 4.14
N ALA B 142 -0.34 -2.64 4.19
CA ALA B 142 -1.35 -2.95 3.14
C ALA B 142 -2.65 -3.47 3.73
N ALA B 143 -3.76 -3.15 3.06
CA ALA B 143 -5.04 -3.82 3.33
C ALA B 143 -4.91 -5.34 3.12
N ALA B 144 -5.46 -6.14 4.02
CA ALA B 144 -5.28 -7.60 3.96
C ALA B 144 -6.07 -8.26 2.84
N GLY B 145 -7.09 -7.58 2.34
CA GLY B 145 -7.93 -8.19 1.30
C GLY B 145 -9.39 -8.25 1.75
N ASN B 146 -10.31 -8.30 0.77
CA ASN B 146 -11.75 -8.36 1.08
C ASN B 146 -12.39 -9.69 0.71
N SER B 147 -11.60 -10.76 0.77
CA SER B 147 -11.99 -12.04 0.15
C SER B 147 -12.66 -12.99 1.13
N GLY B 148 -12.90 -12.52 2.34
CA GLY B 148 -13.69 -13.24 3.34
C GLY B 148 -13.01 -14.53 3.76
N THR B 149 -13.82 -15.57 3.92
CA THR B 149 -13.34 -16.86 4.33
C THR B 149 -13.41 -17.87 3.17
N SER B 150 -12.50 -18.83 3.23
CA SER B 150 -12.51 -19.98 2.34
C SER B 150 -12.09 -21.15 3.20
N GLY B 151 -12.98 -21.56 4.10
CA GLY B 151 -12.65 -22.66 5.01
C GLY B 151 -11.39 -22.36 5.79
N SER B 152 -10.39 -23.24 5.66
CA SER B 152 -9.14 -23.10 6.40
C SER B 152 -8.03 -22.45 5.58
N SER B 153 -8.36 -21.92 4.41
CA SER B 153 -7.33 -21.44 3.50
C SER B 153 -7.11 -19.94 3.75
N SER B 154 -5.89 -19.47 3.49
CA SER B 154 -5.61 -18.04 3.54
C SER B 154 -6.30 -17.37 2.38
N THR B 155 -6.84 -16.19 2.63
CA THR B 155 -7.45 -15.39 1.58
C THR B 155 -6.80 -14.02 1.53
N VAL B 156 -5.70 -13.87 2.24
CA VAL B 156 -4.96 -12.58 2.27
C VAL B 156 -4.42 -12.29 0.86
N SER B 157 -4.64 -11.06 0.40
CA SER B 157 -4.21 -10.63 -0.93
C SER B 157 -2.76 -10.18 -0.92
N TYR B 158 -2.15 -10.09 -2.11
CA TYR B 158 -0.83 -9.47 -2.27
C TYR B 158 -1.04 -8.00 -2.57
N PRO B 159 -0.13 -7.12 -2.11
CA PRO B 159 1.15 -7.35 -1.42
C PRO B 159 1.05 -7.64 0.08
N ALA B 160 -0.17 -7.62 0.68
CA ALA B 160 -0.25 -7.84 2.14
C ALA B 160 0.28 -9.21 2.52
N LYS B 161 0.11 -10.19 1.65
CA LYS B 161 0.59 -11.55 1.94
C LYS B 161 2.14 -11.72 2.04
N TYR B 162 2.91 -10.75 1.55
CA TYR B 162 4.37 -10.86 1.62
C TYR B 162 4.80 -10.59 3.05
N PRO B 163 5.71 -11.41 3.59
CA PRO B 163 6.14 -11.19 4.98
C PRO B 163 6.60 -9.79 5.35
N SER B 164 7.22 -9.08 4.42
CA SER B 164 7.77 -7.75 4.79
C SER B 164 6.69 -6.69 4.99
N VAL B 165 5.50 -6.98 4.49
CA VAL B 165 4.39 -6.01 4.50
C VAL B 165 3.43 -6.26 5.70
N ILE B 166 3.05 -5.19 6.40
CA ILE B 166 2.07 -5.35 7.47
C ILE B 166 0.70 -5.55 6.82
N ALA B 167 0.05 -6.65 7.17
CA ALA B 167 -1.26 -7.02 6.61
C ALA B 167 -2.38 -6.62 7.60
N VAL B 168 -3.25 -5.73 7.16
CA VAL B 168 -4.27 -5.15 8.05
C VAL B 168 -5.70 -5.58 7.70
N GLY B 169 -6.34 -6.29 8.64
CA GLY B 169 -7.76 -6.69 8.53
C GLY B 169 -8.69 -5.62 9.04
N ALA B 170 -10.00 -5.82 8.85
CA ALA B 170 -11.01 -4.82 9.21
C ALA B 170 -11.98 -5.29 10.31
N VAL B 171 -12.15 -4.49 11.36
CA VAL B 171 -13.25 -4.68 12.34
C VAL B 171 -14.26 -3.56 12.26
N ASP B 172 -15.45 -3.78 12.87
CA ASP B 172 -16.40 -2.70 13.02
C ASP B 172 -16.22 -2.02 14.37
N SER B 173 -17.15 -1.10 14.67
CA SER B 173 -17.06 -0.28 15.89
C SER B 173 -17.21 -1.10 17.18
N SER B 174 -17.63 -2.36 17.06
CA SER B 174 -17.71 -3.29 18.20
C SER B 174 -16.58 -4.28 18.26
N ASN B 175 -15.53 -4.03 17.49
CA ASN B 175 -14.37 -4.91 17.37
C ASN B 175 -14.69 -6.30 16.84
N GLN B 176 -15.79 -6.39 16.10
CA GLN B 176 -16.08 -7.62 15.40
C GLN B 176 -15.47 -7.59 13.99
N ARG B 177 -14.86 -8.70 13.59
CA ARG B 177 -14.29 -8.82 12.23
C ARG B 177 -15.38 -8.60 11.19
N ALA B 178 -15.10 -7.75 10.20
CA ALA B 178 -16.04 -7.55 9.10
C ALA B 178 -16.11 -8.84 8.26
N PRO B 179 -17.31 -9.25 7.80
CA PRO B 179 -17.43 -10.53 7.10
C PRO B 179 -16.56 -10.65 5.84
N PHE B 180 -16.26 -9.52 5.22
CA PHE B 180 -15.44 -9.50 4.02
C PHE B 180 -13.94 -9.59 4.32
N SER B 181 -13.54 -9.35 5.58
CA SER B 181 -12.13 -9.18 5.88
C SER B 181 -11.38 -10.47 5.61
N SER B 182 -10.31 -10.40 4.83
CA SER B 182 -9.53 -11.60 4.54
C SER B 182 -8.89 -12.18 5.81
N VAL B 183 -8.54 -13.46 5.71
CA VAL B 183 -8.09 -14.23 6.84
C VAL B 183 -6.87 -15.06 6.46
N GLY B 184 -6.12 -15.47 7.48
CA GLY B 184 -4.96 -16.35 7.24
C GLY B 184 -3.81 -16.06 8.17
N PRO B 185 -2.80 -16.93 8.16
CA PRO B 185 -1.67 -16.72 9.08
C PRO B 185 -0.87 -15.43 8.81
N GLU B 186 -1.04 -14.86 7.61
CA GLU B 186 -0.30 -13.66 7.17
C GLU B 186 -0.93 -12.39 7.76
N LEU B 187 -2.17 -12.50 8.23
CA LEU B 187 -2.83 -11.39 8.90
C LEU B 187 -2.03 -10.95 10.12
N ASP B 188 -1.76 -9.64 10.24
CA ASP B 188 -0.96 -9.10 11.34
C ASP B 188 -1.81 -8.43 12.41
N VAL B 189 -2.55 -7.38 12.02
CA VAL B 189 -3.37 -6.62 12.97
C VAL B 189 -4.71 -6.23 12.34
N MET B 190 -5.63 -5.74 13.17
CA MET B 190 -6.94 -5.22 12.71
C MET B 190 -7.05 -3.74 12.98
N ALA B 191 -7.85 -3.07 12.17
CA ALA B 191 -8.20 -1.69 12.45
C ALA B 191 -9.63 -1.47 11.93
N PRO B 192 -10.26 -0.38 12.37
CA PRO B 192 -11.64 -0.08 11.91
C PRO B 192 -11.75 0.05 10.40
N GLY B 193 -12.69 -0.68 9.81
CA GLY B 193 -12.88 -0.66 8.35
C GLY B 193 -14.31 -0.82 7.89
N VAL B 194 -15.26 -0.60 8.78
CA VAL B 194 -16.70 -0.70 8.44
C VAL B 194 -17.35 0.67 8.59
N SER B 195 -17.96 1.18 7.52
CA SER B 195 -18.61 2.48 7.54
C SER B 195 -17.72 3.59 8.09
N ILE B 196 -16.51 3.72 7.54
CA ILE B 196 -15.57 4.74 7.98
C ILE B 196 -15.87 6.05 7.26
N CYS B 197 -16.11 7.11 8.02
CA CYS B 197 -16.38 8.39 7.38
C CYS B 197 -15.08 9.15 7.10
N SER B 198 -14.95 9.66 5.89
CA SER B 198 -13.76 10.36 5.46
C SER B 198 -14.05 11.25 4.24
N THR B 199 -13.00 11.91 3.79
CA THR B 199 -13.05 12.88 2.70
C THR B 199 -13.30 12.18 1.37
N LEU B 200 -14.10 12.79 0.50
CA LEU B 200 -14.32 12.24 -0.84
C LEU B 200 -14.12 13.39 -1.85
N PRO B 201 -13.87 13.09 -3.12
CA PRO B 201 -13.67 14.15 -4.12
C PRO B 201 -14.87 15.08 -4.22
N GLY B 202 -14.62 16.32 -4.63
CA GLY B 202 -15.69 17.33 -4.74
C GLY B 202 -16.07 17.98 -3.43
N GLY B 203 -15.12 18.00 -2.49
CA GLY B 203 -15.36 18.51 -1.16
C GLY B 203 -16.48 17.79 -0.45
N LYS B 204 -16.65 16.50 -0.72
CA LYS B 204 -17.68 15.70 -0.05
C LYS B 204 -17.08 14.93 1.13
N TYR B 205 -17.96 14.38 1.97
CA TYR B 205 -17.59 13.48 3.06
C TYR B 205 -18.54 12.29 2.99
N GLY B 206 -18.08 11.12 3.40
CA GLY B 206 -18.97 9.99 3.30
C GLY B 206 -18.30 8.74 3.79
N ALA B 207 -19.13 7.71 3.98
CA ALA B 207 -18.69 6.44 4.54
C ALA B 207 -18.35 5.45 3.43
N LEU B 208 -17.28 4.70 3.68
CA LEU B 208 -16.86 3.56 2.86
C LEU B 208 -16.44 2.44 3.82
N SER B 209 -16.51 1.22 3.32
CA SER B 209 -16.06 0.02 4.02
C SER B 209 -15.00 -0.71 3.22
N GLY B 210 -14.16 -1.49 3.91
CA GLY B 210 -13.18 -2.33 3.22
C GLY B 210 -11.91 -2.38 4.03
N THR B 211 -11.10 -3.40 3.77
CA THR B 211 -9.73 -3.39 4.32
C THR B 211 -8.91 -2.18 3.83
N ALA B 212 -9.29 -1.60 2.70
CA ALA B 212 -8.69 -0.33 2.27
C ALA B 212 -8.87 0.78 3.30
N MET B 213 -9.99 0.75 4.06
CA MET B 213 -10.24 1.75 5.13
C MET B 213 -9.49 1.44 6.43
N ALA B 214 -9.19 0.16 6.67
CA ALA B 214 -8.48 -0.23 7.87
C ALA B 214 -6.98 0.10 7.78
N SER B 215 -6.39 -0.23 6.65
CA SER B 215 -4.94 -0.01 6.45
C SER B 215 -4.48 1.44 6.84
N PRO B 216 -5.14 2.50 6.33
CA PRO B 216 -4.70 3.86 6.70
C PRO B 216 -4.74 4.18 8.19
N HIS B 217 -5.57 3.47 8.99
CA HIS B 217 -5.52 3.71 10.41
C HIS B 217 -4.17 3.27 10.95
N VAL B 218 -3.65 2.18 10.40
CA VAL B 218 -2.32 1.65 10.83
C VAL B 218 -1.19 2.52 10.25
N ALA B 219 -1.33 2.98 8.99
CA ALA B 219 -0.33 3.90 8.42
C ALA B 219 -0.28 5.20 9.25
N GLY B 220 -1.45 5.74 9.63
CA GLY B 220 -1.47 6.92 10.49
C GLY B 220 -0.90 6.62 11.89
N ALA B 221 -1.18 5.42 12.41
CA ALA B 221 -0.65 5.02 13.72
C ALA B 221 0.88 5.02 13.67
N ALA B 222 1.44 4.46 12.60
CA ALA B 222 2.89 4.48 12.36
C ALA B 222 3.41 5.92 12.33
N ALA B 223 2.70 6.78 11.61
CA ALA B 223 3.10 8.21 11.59
C ALA B 223 3.10 8.84 13.00
N LEU B 224 2.09 8.53 13.82
CA LEU B 224 2.06 9.07 15.18
C LEU B 224 3.26 8.59 15.98
N ILE B 225 3.56 7.31 15.87
CA ILE B 225 4.65 6.73 16.63
C ILE B 225 5.98 7.36 16.20
N LEU B 226 6.18 7.53 14.89
CA LEU B 226 7.43 8.13 14.39
C LEU B 226 7.58 9.61 14.76
N SER B 227 6.46 10.30 14.88
CA SER B 227 6.52 11.69 15.27
C SER B 227 6.93 11.83 16.72
N LYS B 228 6.53 10.89 17.56
CA LYS B 228 7.00 10.85 18.96
C LYS B 228 8.42 10.30 19.05
N HIS B 229 8.70 9.28 18.24
CA HIS B 229 9.96 8.52 18.29
C HIS B 229 10.62 8.49 16.92
N PRO B 230 11.19 9.64 16.49
CA PRO B 230 11.72 9.70 15.12
C PRO B 230 12.92 8.74 14.84
N ASN B 231 13.56 8.25 15.92
CA ASN B 231 14.68 7.36 15.79
C ASN B 231 14.36 5.87 15.83
N TRP B 232 13.09 5.51 16.07
CA TRP B 232 12.75 4.10 15.96
C TRP B 232 12.78 3.63 14.53
N THR B 233 13.26 2.41 14.32
CA THR B 233 13.29 1.86 12.96
C THR B 233 11.92 1.38 12.55
N ASN B 234 11.72 1.17 11.24
CA ASN B 234 10.50 0.51 10.79
C ASN B 234 10.23 -0.80 11.51
N THR B 235 11.29 -1.57 11.76
CA THR B 235 11.18 -2.85 12.45
C THR B 235 10.57 -2.63 13.84
N GLN B 236 11.05 -1.59 14.52
CA GLN B 236 10.65 -1.26 15.87
C GLN B 236 9.21 -0.75 15.93
N VAL B 237 8.84 0.08 14.96
CA VAL B 237 7.46 0.54 14.81
C VAL B 237 6.51 -0.62 14.58
N ARG B 238 6.85 -1.51 13.62
CA ARG B 238 6.05 -2.68 13.33
C ARG B 238 5.90 -3.53 14.58
N SER B 239 7.03 -3.83 15.21
CA SER B 239 7.00 -4.66 16.42
C SER B 239 6.10 -4.06 17.48
N SER B 240 6.21 -2.76 17.66
CA SER B 240 5.41 -2.07 18.70
C SER B 240 3.93 -2.20 18.46
N LEU B 241 3.52 -2.01 17.21
CA LEU B 241 2.11 -2.11 16.85
C LEU B 241 1.60 -3.56 17.00
N GLU B 242 2.41 -4.53 16.58
CA GLU B 242 1.98 -5.92 16.65
C GLU B 242 1.97 -6.45 18.09
N ASN B 243 3.03 -6.15 18.81
CA ASN B 243 3.23 -6.68 20.14
C ASN B 243 2.24 -6.17 21.17
N THR B 244 1.77 -4.93 21.00
CA THR B 244 0.90 -4.29 21.96
C THR B 244 -0.57 -4.24 21.51
N ALA B 245 -0.89 -4.96 20.44
CA ALA B 245 -2.26 -4.99 19.96
C ALA B 245 -3.19 -5.64 20.98
N THR B 246 -4.43 -5.20 21.00
CA THR B 246 -5.46 -5.79 21.87
C THR B 246 -6.03 -7.04 21.23
N LYS B 247 -5.82 -8.19 21.87
CA LYS B 247 -6.32 -9.46 21.33
C LYS B 247 -7.83 -9.43 21.21
N LEU B 248 -8.33 -9.95 20.08
CA LEU B 248 -9.76 -9.82 19.74
C LEU B 248 -10.46 -11.14 19.42
N GLY B 249 -9.71 -12.21 19.43
CA GLY B 249 -10.28 -13.48 18.99
C GLY B 249 -9.24 -14.29 18.28
N ASP B 250 -9.70 -15.33 17.59
CA ASP B 250 -8.84 -16.31 16.97
C ASP B 250 -7.91 -15.63 15.94
N SER B 251 -6.60 -15.86 16.07
CA SER B 251 -5.60 -15.12 15.27
C SER B 251 -5.66 -15.34 13.75
N PHE B 252 -6.24 -16.47 13.33
CA PHE B 252 -6.49 -16.71 11.91
C PHE B 252 -7.40 -15.61 11.33
N TYR B 253 -8.30 -15.09 12.18
CA TYR B 253 -9.33 -14.14 11.77
C TYR B 253 -9.01 -12.69 12.16
N TYR B 254 -8.20 -12.55 13.21
CA TYR B 254 -7.94 -11.26 13.88
C TYR B 254 -6.44 -10.88 13.98
N GLY B 255 -5.55 -11.77 13.56
CA GLY B 255 -4.11 -11.58 13.73
C GLY B 255 -3.80 -11.39 15.22
N LYS B 256 -2.90 -10.46 15.50
CA LYS B 256 -2.55 -10.07 16.89
C LYS B 256 -3.65 -9.22 17.58
N GLY B 257 -4.65 -8.78 16.81
CA GLY B 257 -5.78 -8.02 17.34
C GLY B 257 -5.75 -6.58 16.89
N LEU B 258 -6.45 -5.74 17.65
CA LEU B 258 -6.67 -4.34 17.24
C LEU B 258 -5.47 -3.49 17.63
N ILE B 259 -4.97 -2.67 16.72
CA ILE B 259 -3.89 -1.77 17.15
C ILE B 259 -4.31 -0.84 18.29
N ASN B 260 -3.32 -0.58 19.13
CA ASN B 260 -3.47 0.31 20.28
C ASN B 260 -2.27 1.23 20.28
N VAL B 261 -2.48 2.45 19.77
CA VAL B 261 -1.33 3.31 19.51
C VAL B 261 -0.76 3.84 20.83
N GLU B 262 -1.61 3.90 21.87
CA GLU B 262 -1.19 4.30 23.21
C GLU B 262 -0.12 3.33 23.69
N ALA B 263 -0.47 2.04 23.72
CA ALA B 263 0.44 0.99 24.15
C ALA B 263 1.69 0.94 23.28
N ALA B 264 1.52 1.08 21.96
CA ALA B 264 2.65 0.95 21.03
C ALA B 264 3.71 2.04 21.22
N ALA B 265 3.25 3.25 21.53
CA ALA B 265 4.17 4.39 21.51
C ALA B 265 4.78 4.67 22.86
N GLN B 266 4.74 3.66 23.74
CA GLN B 266 5.34 3.70 25.11
C GLN B 266 6.59 4.59 25.29
ZN ZN C . 2.48 -9.59 5.23
ZN ZN D . 11.80 8.10 21.26
ZN ZN E . -11.93 18.90 3.29
ZN ZN F . -6.92 14.39 18.31
ZN ZN G . -9.24 -21.56 15.15
#